data_2BOI
#
_entry.id   2BOI
#
_cell.length_a   51.093
_cell.length_b   89.836
_cell.length_c   46.479
_cell.angle_alpha   90.00
_cell.angle_beta   90.00
_cell.angle_gamma   90.00
#
_symmetry.space_group_name_H-M   'P 21 21 2'
#
loop_
_entity.id
_entity.type
_entity.pdbx_description
1 polymer 'CV-IIL LECTIN'
2 non-polymer 'CALCIUM ION'
3 non-polymer 'methyl alpha-L-fucopyranoside'
4 water water
#
_entity_poly.entity_id   1
_entity_poly.type   'polypeptide(L)'
_entity_poly.pdbx_seq_one_letter_code
;AQQGVFTLPARINFGVTVLVNSAATQHVEIFVDNEPRAAFSGVGTGDNNLGTKVINSGSGNVRVQITANGRQSDLVSSQL
VLANKLNLAVVGSEDGTDMDYNDSIVILNWPLG
;
_entity_poly.pdbx_strand_id   A,B
#
# COMPACT_ATOMS: atom_id res chain seq x y z
N ALA A 1 -17.20 -2.19 14.95
CA ALA A 1 -15.91 -1.98 15.60
C ALA A 1 -15.38 -0.69 15.04
N GLN A 2 -14.63 0.00 15.86
CA GLN A 2 -13.83 1.10 15.35
C GLN A 2 -12.90 0.56 14.25
N GLN A 3 -12.67 1.33 13.21
CA GLN A 3 -11.78 1.02 12.10
C GLN A 3 -10.89 2.24 11.87
N GLY A 4 -9.73 2.00 11.29
CA GLY A 4 -8.76 3.06 11.04
C GLY A 4 -7.96 3.49 12.22
N VAL A 5 -8.00 2.73 13.31
CA VAL A 5 -7.25 3.00 14.52
C VAL A 5 -6.22 1.92 14.70
N PHE A 6 -4.96 2.32 14.88
CA PHE A 6 -3.85 1.38 14.97
C PHE A 6 -2.93 1.77 16.09
N THR A 7 -2.40 0.77 16.79
CA THR A 7 -1.32 0.99 17.77
C THR A 7 0.00 0.64 17.12
N LEU A 8 0.83 1.65 16.92
CA LEU A 8 2.18 1.48 16.37
C LEU A 8 3.16 1.38 17.51
N PRO A 9 4.37 0.90 17.23
CA PRO A 9 5.46 1.08 18.18
C PRO A 9 5.60 2.55 18.55
N ALA A 10 6.01 2.82 19.76
CA ALA A 10 6.13 4.22 20.20
C ALA A 10 7.28 4.90 19.50
N ARG A 11 7.07 6.16 19.18
CA ARG A 11 8.09 7.06 18.74
C ARG A 11 8.77 6.59 17.47
N ILE A 12 8.04 5.92 16.58
CA ILE A 12 8.60 5.38 15.36
C ILE A 12 8.19 6.24 14.16
N ASN A 13 9.10 6.43 13.21
CA ASN A 13 8.70 7.05 11.94
C ASN A 13 8.00 6.02 11.08
N PHE A 14 6.88 6.42 10.48
CA PHE A 14 6.13 5.54 9.61
C PHE A 14 5.67 6.34 8.41
N GLY A 15 5.42 5.62 7.32
CA GLY A 15 4.94 6.24 6.10
C GLY A 15 3.45 6.11 5.93
N VAL A 16 2.85 7.12 5.32
CA VAL A 16 1.44 7.13 4.98
C VAL A 16 1.31 7.44 3.51
N THR A 17 0.68 6.54 2.76
CA THR A 17 0.47 6.67 1.31
C THR A 17 -1.01 6.63 1.03
N VAL A 18 -1.49 7.49 0.15
CA VAL A 18 -2.92 7.55 -0.18
C VAL A 18 -3.13 7.38 -1.68
N LEU A 19 -4.07 6.51 -2.02
CA LEU A 19 -4.58 6.32 -3.39
C LEU A 19 -6.06 6.66 -3.41
N VAL A 20 -6.51 7.26 -4.50
N VAL A 20 -6.51 7.29 -4.49
CA VAL A 20 -7.91 7.65 -4.64
CA VAL A 20 -7.92 7.62 -4.62
C VAL A 20 -8.56 7.00 -5.86
C VAL A 20 -8.55 6.99 -5.85
N ASN A 21 -9.83 6.64 -5.69
CA ASN A 21 -10.67 6.08 -6.76
C ASN A 21 -12.09 6.57 -6.59
N SER A 22 -12.33 7.85 -6.86
CA SER A 22 -13.65 8.45 -6.68
C SER A 22 -13.76 9.71 -7.51
N ALA A 23 -14.99 10.03 -7.89
CA ALA A 23 -15.30 11.36 -8.45
C ALA A 23 -15.45 12.44 -7.38
N ALA A 24 -15.59 12.06 -6.13
CA ALA A 24 -15.73 13.02 -5.05
C ALA A 24 -14.33 13.32 -4.50
N THR A 25 -14.05 14.59 -4.23
CA THR A 25 -12.79 14.93 -3.62
C THR A 25 -12.67 14.30 -2.23
N GLN A 26 -11.53 13.68 -1.98
CA GLN A 26 -11.21 12.99 -0.76
C GLN A 26 -10.33 13.85 0.11
N HIS A 27 -10.54 13.76 1.42
CA HIS A 27 -9.72 14.44 2.41
C HIS A 27 -9.31 13.44 3.47
N VAL A 28 -8.03 13.12 3.55
CA VAL A 28 -7.50 12.17 4.54
C VAL A 28 -6.75 12.95 5.61
N GLU A 29 -7.04 12.63 6.86
CA GLU A 29 -6.30 13.19 8.00
C GLU A 29 -5.76 12.06 8.84
N ILE A 30 -4.48 12.19 9.22
CA ILE A 30 -3.84 11.24 10.14
C ILE A 30 -3.64 11.95 11.46
N PHE A 31 -4.16 11.36 12.52
CA PHE A 31 -4.00 11.83 13.88
C PHE A 31 -2.98 10.95 14.60
N VAL A 32 -2.14 11.60 15.41
CA VAL A 32 -1.23 10.91 16.30
C VAL A 32 -1.51 11.44 17.69
N ASP A 33 -1.87 10.56 18.61
CA ASP A 33 -2.23 11.00 19.97
C ASP A 33 -3.29 12.09 19.93
N ASN A 34 -4.25 11.91 19.02
CA ASN A 34 -5.38 12.83 18.88
C ASN A 34 -5.03 14.18 18.36
N GLU A 35 -3.86 14.34 17.77
CA GLU A 35 -3.44 15.60 17.20
C GLU A 35 -3.32 15.45 15.68
N PRO A 36 -3.74 16.46 14.94
CA PRO A 36 -3.74 16.39 13.46
C PRO A 36 -2.33 16.55 12.90
N ARG A 37 -1.79 15.49 12.27
CA ARG A 37 -0.38 15.44 11.90
C ARG A 37 -0.09 15.22 10.43
N ALA A 38 -1.05 14.82 9.60
CA ALA A 38 -0.82 14.74 8.17
C ALA A 38 -2.13 14.85 7.46
N ALA A 39 -2.10 15.54 6.32
CA ALA A 39 -3.31 15.75 5.51
C ALA A 39 -3.01 15.47 4.06
N PHE A 40 -3.98 14.89 3.38
CA PHE A 40 -3.92 14.67 1.95
C PHE A 40 -5.28 15.03 1.36
N SER A 41 -5.28 15.47 0.12
N SER A 41 -5.32 15.57 0.16
N SER A 41 -5.29 15.51 0.13
CA SER A 41 -6.52 15.63 -0.61
CA SER A 41 -6.60 15.77 -0.56
CA SER A 41 -6.54 15.69 -0.61
C SER A 41 -6.32 15.39 -2.07
C SER A 41 -6.37 15.47 -2.05
C SER A 41 -6.33 15.40 -2.07
N GLY A 42 -7.36 14.87 -2.70
CA GLY A 42 -7.30 14.63 -4.13
C GLY A 42 -8.52 13.96 -4.65
N VAL A 43 -8.53 13.70 -5.95
CA VAL A 43 -9.68 13.18 -6.64
C VAL A 43 -9.23 12.41 -7.86
N GLY A 44 -10.04 11.49 -8.36
CA GLY A 44 -9.73 10.77 -9.60
C GLY A 44 -10.09 9.31 -9.45
N THR A 45 -10.40 8.69 -10.59
CA THR A 45 -10.91 7.31 -10.61
C THR A 45 -9.89 6.31 -11.04
N GLY A 46 -8.66 6.73 -11.30
CA GLY A 46 -7.59 5.84 -11.84
C GLY A 46 -6.47 5.54 -10.84
N ASP A 47 -6.83 5.29 -9.60
CA ASP A 47 -5.85 4.97 -8.56
C ASP A 47 -4.85 6.09 -8.44
N ASN A 48 -5.34 7.31 -8.30
CA ASN A 48 -4.46 8.47 -8.27
C ASN A 48 -3.68 8.50 -6.94
N ASN A 49 -2.37 8.54 -7.07
CA ASN A 49 -1.44 8.41 -5.95
C ASN A 49 -1.13 9.82 -5.43
N LEU A 50 -1.55 10.11 -4.20
CA LEU A 50 -1.37 11.41 -3.59
C LEU A 50 -0.04 11.57 -2.89
N GLY A 51 0.85 10.60 -3.00
CA GLY A 51 2.17 10.63 -2.41
C GLY A 51 2.23 9.96 -1.06
N THR A 52 3.39 10.06 -0.46
CA THR A 52 3.73 9.48 0.85
C THR A 52 4.27 10.58 1.74
N LYS A 53 3.84 10.56 2.99
CA LYS A 53 4.36 11.44 4.03
C LYS A 53 4.89 10.57 5.17
N VAL A 54 6.00 10.98 5.77
CA VAL A 54 6.58 10.30 6.90
C VAL A 54 6.36 11.13 8.14
N ILE A 55 5.79 10.52 9.17
CA ILE A 55 5.52 11.20 10.42
C ILE A 55 5.85 10.24 11.56
N ASN A 56 5.88 10.76 12.78
CA ASN A 56 6.27 10.01 13.96
C ASN A 56 5.04 9.56 14.74
N SER A 57 5.07 8.36 15.29
CA SER A 57 3.92 7.77 15.96
C SER A 57 3.67 8.23 17.39
N GLY A 58 4.52 9.06 17.98
CA GLY A 58 4.27 9.54 19.33
C GLY A 58 4.13 8.39 20.32
N SER A 59 3.07 8.37 21.13
CA SER A 59 2.89 7.27 22.03
C SER A 59 2.51 5.98 21.33
N GLY A 60 2.12 6.09 20.06
CA GLY A 60 1.72 4.94 19.26
C GLY A 60 0.28 4.97 18.77
N ASN A 61 -0.51 5.91 19.24
CA ASN A 61 -1.97 5.93 18.96
C ASN A 61 -2.21 6.68 17.66
N VAL A 62 -2.43 5.95 16.57
CA VAL A 62 -2.61 6.54 15.25
C VAL A 62 -4.03 6.29 14.77
N ARG A 63 -4.66 7.32 14.22
CA ARG A 63 -6.00 7.21 13.70
C ARG A 63 -6.11 7.86 12.33
N VAL A 64 -6.79 7.18 11.43
CA VAL A 64 -7.06 7.66 10.08
C VAL A 64 -8.50 8.09 9.96
N GLN A 65 -8.76 9.30 9.46
CA GLN A 65 -10.10 9.80 9.20
C GLN A 65 -10.17 10.25 7.75
N ILE A 66 -11.27 9.92 7.07
CA ILE A 66 -11.46 10.25 5.67
C ILE A 66 -12.80 10.90 5.49
N THR A 67 -12.80 12.05 4.80
CA THR A 67 -14.07 12.75 4.51
C THR A 67 -14.18 13.01 3.02
N ALA A 68 -15.42 13.10 2.59
CA ALA A 68 -15.78 13.45 1.23
C ALA A 68 -17.24 13.95 1.30
N ASN A 69 -17.59 14.91 0.45
CA ASN A 69 -18.96 15.47 0.45
C ASN A 69 -19.37 16.00 1.84
N GLY A 70 -18.39 16.46 2.59
CA GLY A 70 -18.62 17.03 3.91
C GLY A 70 -18.86 16.08 5.05
N ARG A 71 -18.73 14.77 4.79
CA ARG A 71 -19.04 13.79 5.78
C ARG A 71 -17.98 12.73 5.86
N GLN A 72 -17.92 12.10 7.02
CA GLN A 72 -16.97 11.03 7.25
C GLN A 72 -17.33 9.81 6.41
N SER A 73 -16.35 9.30 5.65
CA SER A 73 -16.51 8.06 4.92
C SER A 73 -16.53 6.86 5.85
N ASP A 74 -17.20 5.81 5.41
CA ASP A 74 -17.18 4.56 6.16
C ASP A 74 -15.87 3.84 5.94
N LEU A 75 -15.24 3.39 7.03
CA LEU A 75 -13.91 2.79 6.96
C LEU A 75 -13.91 1.29 7.18
N VAL A 76 -12.93 0.63 6.57
N VAL A 76 -12.96 0.61 6.53
CA VAL A 76 -12.64 -0.75 6.85
CA VAL A 76 -12.63 -0.77 6.86
C VAL A 76 -11.11 -0.84 6.94
C VAL A 76 -11.11 -0.83 6.96
N SER A 77 -10.58 -1.66 7.85
CA SER A 77 -9.16 -1.67 8.05
C SER A 77 -8.65 -2.99 8.58
N SER A 78 -7.35 -3.22 8.38
N SER A 78 -7.34 -3.20 8.41
N SER A 78 -7.34 -3.19 8.43
CA SER A 78 -6.65 -4.38 8.97
CA SER A 78 -6.66 -4.29 9.10
CA SER A 78 -6.66 -4.36 8.98
C SER A 78 -5.17 -4.04 9.08
C SER A 78 -5.16 -4.04 9.09
C SER A 78 -5.16 -4.08 9.04
N GLN A 79 -4.43 -4.82 9.87
CA GLN A 79 -2.98 -4.75 9.90
C GLN A 79 -2.42 -6.12 9.52
N LEU A 80 -1.36 -6.10 8.72
N LEU A 80 -1.37 -6.08 8.69
CA LEU A 80 -0.66 -7.29 8.24
CA LEU A 80 -0.62 -7.26 8.25
C LEU A 80 0.82 -7.17 8.62
C LEU A 80 0.83 -7.15 8.68
N VAL A 81 1.43 -8.28 9.01
CA VAL A 81 2.87 -8.36 9.28
C VAL A 81 3.41 -9.47 8.42
N LEU A 82 4.43 -9.13 7.61
N LEU A 82 4.41 -9.13 7.59
CA LEU A 82 5.11 -10.07 6.74
CA LEU A 82 5.10 -10.06 6.72
C LEU A 82 6.55 -10.26 7.23
C LEU A 82 6.54 -10.26 7.21
N ALA A 83 7.01 -11.50 7.15
CA ALA A 83 8.37 -11.87 7.56
C ALA A 83 8.64 -11.44 9.00
N ASN A 84 7.62 -11.38 9.84
CA ASN A 84 7.75 -10.97 11.22
C ASN A 84 8.43 -9.62 11.36
N LYS A 85 8.30 -8.75 10.38
N LYS A 85 8.33 -8.75 10.37
CA LYS A 85 9.04 -7.49 10.36
CA LYS A 85 9.11 -7.51 10.33
C LYS A 85 8.36 -6.37 9.64
C LYS A 85 8.39 -6.37 9.63
N LEU A 86 7.87 -6.60 8.44
CA LEU A 86 7.25 -5.54 7.62
C LEU A 86 5.79 -5.42 8.05
N ASN A 87 5.41 -4.23 8.54
CA ASN A 87 4.04 -3.94 8.97
C ASN A 87 3.37 -3.03 7.96
N LEU A 88 2.16 -3.43 7.57
N LEU A 88 2.15 -3.42 7.58
CA LEU A 88 1.27 -2.57 6.79
CA LEU A 88 1.26 -2.61 6.77
C LEU A 88 -0.05 -2.47 7.55
C LEU A 88 -0.08 -2.49 7.50
N ALA A 89 -0.55 -1.27 7.72
CA ALA A 89 -1.89 -1.01 8.24
C ALA A 89 -2.65 -0.36 7.10
N VAL A 90 -3.78 -0.97 6.71
N VAL A 90 -3.77 -0.96 6.72
CA VAL A 90 -4.53 -0.60 5.52
CA VAL A 90 -4.49 -0.55 5.53
C VAL A 90 -5.91 -0.14 5.89
C VAL A 90 -5.91 -0.14 5.87
N VAL A 91 -6.34 0.94 5.23
CA VAL A 91 -7.71 1.46 5.37
C VAL A 91 -8.31 1.60 3.99
N GLY A 92 -9.46 0.99 3.79
CA GLY A 92 -10.33 1.29 2.66
C GLY A 92 -11.49 2.16 3.12
N SER A 93 -12.13 2.85 2.21
CA SER A 93 -13.21 3.78 2.59
C SER A 93 -14.22 3.93 1.49
N GLU A 94 -15.45 4.22 1.92
CA GLU A 94 -16.59 4.34 1.01
C GLU A 94 -17.29 5.66 1.28
N ASP A 95 -17.41 6.46 0.21
CA ASP A 95 -18.03 7.76 0.27
C ASP A 95 -19.48 7.78 -0.27
N GLY A 96 -19.94 6.65 -0.79
CA GLY A 96 -21.18 6.62 -1.59
C GLY A 96 -21.95 5.33 -1.40
N THR A 97 -22.48 4.83 -2.51
CA THR A 97 -23.50 3.77 -2.47
C THR A 97 -23.08 2.47 -3.14
N ASP A 98 -21.91 2.43 -3.77
CA ASP A 98 -21.52 1.26 -4.54
C ASP A 98 -20.71 0.24 -3.75
N MET A 99 -20.35 0.55 -2.51
CA MET A 99 -19.64 -0.39 -1.63
C MET A 99 -18.37 -0.94 -2.28
N ASP A 100 -17.64 -0.10 -3.03
CA ASP A 100 -16.36 -0.54 -3.57
C ASP A 100 -15.18 -0.34 -2.61
N TYR A 101 -15.32 0.52 -1.60
CA TYR A 101 -14.32 0.69 -0.54
C TYR A 101 -12.93 1.04 -1.04
N ASN A 102 -12.84 1.68 -2.21
CA ASN A 102 -11.57 2.10 -2.77
C ASN A 102 -11.46 3.61 -2.92
N ASP A 103 -12.44 4.34 -2.35
CA ASP A 103 -12.59 5.75 -2.70
C ASP A 103 -11.36 6.55 -2.26
N SER A 104 -10.93 6.29 -1.01
CA SER A 104 -9.55 6.49 -0.59
C SER A 104 -9.05 5.19 -0.01
N ILE A 105 -7.81 4.85 -0.33
CA ILE A 105 -7.08 3.74 0.28
C ILE A 105 -5.87 4.35 0.96
N VAL A 106 -5.71 4.10 2.26
CA VAL A 106 -4.62 4.65 3.02
C VAL A 106 -3.77 3.50 3.51
N ILE A 107 -2.47 3.58 3.28
N ILE A 107 -2.48 3.57 3.24
CA ILE A 107 -1.52 2.53 3.69
CA ILE A 107 -1.53 2.53 3.64
C ILE A 107 -0.51 3.14 4.61
C ILE A 107 -0.51 3.15 4.53
N LEU A 108 -0.38 2.57 5.81
N LEU A 108 -0.40 2.61 5.75
CA LEU A 108 0.67 2.95 6.73
CA LEU A 108 0.66 2.96 6.69
C LEU A 108 1.70 1.85 6.72
C LEU A 108 1.70 1.84 6.68
N ASN A 109 3.00 2.15 6.74
CA ASN A 109 3.98 1.09 6.82
C ASN A 109 5.13 1.50 7.74
N TRP A 110 5.70 0.48 8.38
CA TRP A 110 6.88 0.64 9.22
C TRP A 110 7.51 -0.73 9.41
N PRO A 111 8.76 -0.78 9.88
CA PRO A 111 9.73 0.30 10.00
C PRO A 111 10.25 0.73 8.62
N LEU A 112 10.78 1.93 8.57
CA LEU A 112 11.37 2.54 7.38
C LEU A 112 12.87 2.35 7.35
N GLY A 113 13.51 2.80 6.28
CA GLY A 113 14.96 2.89 6.21
C GLY A 113 15.67 1.73 5.60
N ALA B 1 8.12 -21.42 -0.47
CA ALA B 1 7.02 -21.25 -1.46
C ALA B 1 7.41 -20.14 -2.35
N GLN B 2 6.96 -20.18 -3.59
CA GLN B 2 7.02 -19.00 -4.43
C GLN B 2 6.31 -17.83 -3.76
N GLN B 3 6.84 -16.64 -3.92
CA GLN B 3 6.28 -15.41 -3.40
C GLN B 3 6.23 -14.39 -4.52
N GLY B 4 5.37 -13.41 -4.38
CA GLY B 4 5.23 -12.37 -5.40
C GLY B 4 4.39 -12.76 -6.60
N VAL B 5 3.70 -13.91 -6.55
CA VAL B 5 2.84 -14.36 -7.61
C VAL B 5 1.41 -14.35 -7.14
N PHE B 6 0.53 -13.75 -7.93
CA PHE B 6 -0.87 -13.60 -7.56
C PHE B 6 -1.76 -13.94 -8.73
N THR B 7 -2.90 -14.55 -8.44
CA THR B 7 -3.95 -14.74 -9.45
C THR B 7 -4.99 -13.65 -9.24
N LEU B 8 -5.10 -12.75 -10.21
CA LEU B 8 -6.09 -11.70 -10.20
C LEU B 8 -7.31 -12.15 -11.01
N PRO B 9 -8.45 -11.48 -10.84
CA PRO B 9 -9.55 -11.66 -11.80
C PRO B 9 -9.02 -11.41 -13.21
N ALA B 10 -9.58 -12.13 -14.18
CA ALA B 10 -9.10 -12.00 -15.55
C ALA B 10 -9.45 -10.63 -16.11
N ARG B 11 -8.54 -10.09 -16.88
CA ARG B 11 -8.78 -8.92 -17.71
C ARG B 11 -9.19 -7.70 -16.89
N ILE B 12 -8.67 -7.58 -15.68
CA ILE B 12 -9.01 -6.46 -14.81
C ILE B 12 -7.88 -5.44 -14.77
N ASN B 13 -8.22 -4.18 -14.73
CA ASN B 13 -7.19 -3.17 -14.47
C ASN B 13 -6.90 -3.12 -12.98
N PHE B 14 -5.62 -3.04 -12.66
CA PHE B 14 -5.17 -2.98 -11.27
C PHE B 14 -4.06 -1.97 -11.17
N GLY B 15 -3.89 -1.40 -9.97
CA GLY B 15 -2.83 -0.44 -9.73
C GLY B 15 -1.64 -1.11 -9.06
N VAL B 16 -0.43 -0.61 -9.39
CA VAL B 16 0.82 -1.03 -8.78
C VAL B 16 1.51 0.21 -8.26
N THR B 17 1.83 0.20 -6.97
CA THR B 17 2.51 1.29 -6.29
C THR B 17 3.77 0.75 -5.64
N VAL B 18 4.88 1.48 -5.72
CA VAL B 18 6.15 1.05 -5.15
C VAL B 18 6.70 2.08 -4.20
N LEU B 19 7.15 1.64 -3.03
CA LEU B 19 7.88 2.43 -2.04
C LEU B 19 9.26 1.82 -1.87
N VAL B 20 10.30 2.64 -1.67
CA VAL B 20 11.64 2.12 -1.45
C VAL B 20 12.21 2.56 -0.10
N ASN B 21 13.04 1.66 0.45
CA ASN B 21 13.71 1.91 1.72
C ASN B 21 15.06 1.19 1.69
N SER B 22 16.00 1.68 0.89
CA SER B 22 17.30 1.02 0.73
C SER B 22 18.31 2.01 0.17
N ALA B 23 19.58 1.77 0.50
CA ALA B 23 20.70 2.46 -0.17
C ALA B 23 20.94 1.95 -1.57
N ALA B 24 20.44 0.76 -1.91
CA ALA B 24 20.64 0.18 -3.22
C ALA B 24 19.51 0.60 -4.14
N THR B 25 19.83 0.92 -5.39
CA THR B 25 18.81 1.26 -6.37
C THR B 25 17.96 0.01 -6.63
N GLN B 26 16.65 0.21 -6.59
CA GLN B 26 15.68 -0.85 -6.78
C GLN B 26 15.13 -0.81 -8.19
N HIS B 27 14.86 -2.00 -8.74
CA HIS B 27 14.27 -2.15 -10.06
C HIS B 27 13.13 -3.14 -9.95
N VAL B 28 11.93 -2.68 -10.18
CA VAL B 28 10.72 -3.50 -10.06
C VAL B 28 10.16 -3.71 -11.47
N GLU B 29 9.84 -4.96 -11.78
CA GLU B 29 9.14 -5.29 -13.02
C GLU B 29 7.92 -6.11 -12.65
N ILE B 30 6.80 -5.75 -13.25
CA ILE B 30 5.56 -6.49 -13.10
C ILE B 30 5.31 -7.25 -14.39
N PHE B 31 5.19 -8.58 -14.27
CA PHE B 31 4.88 -9.46 -15.37
C PHE B 31 3.42 -9.83 -15.34
N VAL B 32 2.82 -9.88 -16.53
CA VAL B 32 1.44 -10.37 -16.69
C VAL B 32 1.53 -11.45 -17.76
N ASP B 33 1.11 -12.66 -17.44
CA ASP B 33 1.20 -13.78 -18.40
C ASP B 33 2.61 -13.93 -18.93
N ASN B 34 3.59 -13.78 -18.02
CA ASN B 34 5.01 -13.96 -18.31
C ASN B 34 5.61 -12.93 -19.22
N GLU B 35 4.94 -11.79 -19.40
CA GLU B 35 5.44 -10.70 -20.22
C GLU B 35 5.58 -9.42 -19.40
N PRO B 36 6.67 -8.67 -19.60
CA PRO B 36 6.87 -7.44 -18.83
C PRO B 36 5.88 -6.37 -19.19
N ARG B 37 5.24 -5.78 -18.18
CA ARG B 37 4.21 -4.81 -18.40
C ARG B 37 4.33 -3.49 -17.64
N ALA B 38 5.18 -3.41 -16.63
CA ALA B 38 5.39 -2.18 -15.92
C ALA B 38 6.74 -2.23 -15.23
N ALA B 39 7.49 -1.13 -15.31
CA ALA B 39 8.77 -0.97 -14.66
C ALA B 39 8.78 0.21 -13.73
N PHE B 40 9.51 0.09 -12.64
CA PHE B 40 9.80 1.18 -11.74
C PHE B 40 11.25 1.09 -11.30
N SER B 41 11.84 2.23 -10.98
N SER B 41 11.90 2.23 -11.08
N SER B 41 11.84 2.23 -11.00
CA SER B 41 13.17 2.21 -10.38
CA SER B 41 13.22 2.25 -10.47
CA SER B 41 13.18 2.24 -10.43
C SER B 41 13.35 3.45 -9.54
C SER B 41 13.35 3.46 -9.55
C SER B 41 13.37 3.47 -9.56
N GLY B 42 14.19 3.34 -8.53
CA GLY B 42 14.55 4.45 -7.70
C GLY B 42 15.35 4.02 -6.51
N VAL B 43 15.75 4.99 -5.71
CA VAL B 43 16.59 4.72 -4.57
C VAL B 43 16.29 5.73 -3.48
N GLY B 44 16.29 5.30 -2.24
CA GLY B 44 16.07 6.16 -1.11
C GLY B 44 15.71 5.37 0.12
N THR B 45 15.94 5.97 1.29
CA THR B 45 15.69 5.31 2.56
C THR B 45 14.50 5.90 3.32
N GLY B 46 13.77 6.83 2.69
CA GLY B 46 12.69 7.55 3.31
C GLY B 46 11.31 7.12 2.86
N ASP B 47 11.10 5.82 2.61
CA ASP B 47 9.81 5.33 2.11
C ASP B 47 9.44 6.05 0.82
N ASN B 48 10.42 6.23 -0.05
CA ASN B 48 10.24 7.08 -1.21
C ASN B 48 9.31 6.41 -2.22
N ASN B 49 8.32 7.17 -2.65
CA ASN B 49 7.22 6.68 -3.49
C ASN B 49 7.57 6.83 -4.95
N LEU B 50 7.55 5.73 -5.67
CA LEU B 50 7.91 5.71 -7.08
C LEU B 50 6.70 5.93 -7.99
N GLY B 51 5.55 6.18 -7.43
CA GLY B 51 4.34 6.39 -8.18
C GLY B 51 3.53 5.12 -8.34
N THR B 52 2.43 5.27 -9.08
CA THR B 52 1.48 4.20 -9.37
C THR B 52 1.32 4.06 -10.87
N LYS B 53 1.26 2.83 -11.35
CA LYS B 53 0.91 2.52 -12.73
C LYS B 53 -0.28 1.58 -12.75
N VAL B 54 -1.16 1.77 -13.72
CA VAL B 54 -2.32 0.91 -13.90
C VAL B 54 -2.08 0.04 -15.11
N ILE B 55 -2.26 -1.26 -14.93
CA ILE B 55 -2.07 -2.22 -16.00
C ILE B 55 -3.20 -3.25 -15.92
N ASN B 56 -3.28 -4.08 -16.97
CA ASN B 56 -4.35 -5.08 -17.08
C ASN B 56 -3.83 -6.47 -16.74
N SER B 57 -4.65 -7.28 -16.06
CA SER B 57 -4.22 -8.57 -15.56
C SER B 57 -4.19 -9.71 -16.60
N GLY B 58 -4.68 -9.47 -17.82
CA GLY B 58 -4.64 -10.55 -18.82
C GLY B 58 -5.40 -11.76 -18.34
N SER B 59 -4.79 -12.95 -18.43
CA SER B 59 -5.46 -14.14 -17.94
C SER B 59 -5.62 -14.13 -16.42
N GLY B 60 -4.86 -13.30 -15.72
CA GLY B 60 -4.85 -13.18 -14.27
C GLY B 60 -3.53 -13.52 -13.64
N ASN B 61 -2.53 -14.00 -14.39
CA ASN B 61 -1.25 -14.46 -13.86
C ASN B 61 -0.26 -13.31 -13.72
N VAL B 62 -0.14 -12.75 -12.51
CA VAL B 62 0.67 -11.58 -12.26
C VAL B 62 1.83 -11.96 -11.36
N ARG B 63 3.03 -11.49 -11.71
CA ARG B 63 4.25 -11.75 -10.93
C ARG B 63 5.04 -10.47 -10.75
N VAL B 64 5.44 -10.23 -9.51
CA VAL B 64 6.29 -9.12 -9.14
C VAL B 64 7.74 -9.59 -9.04
N GLN B 65 8.65 -8.87 -9.69
CA GLN B 65 10.07 -9.18 -9.67
C GLN B 65 10.86 -7.96 -9.25
N ILE B 66 11.74 -8.09 -8.27
CA ILE B 66 12.48 -6.97 -7.71
C ILE B 66 13.96 -7.30 -7.77
N THR B 67 14.74 -6.41 -8.34
CA THR B 67 16.17 -6.61 -8.53
C THR B 67 16.94 -5.43 -7.94
N ALA B 68 18.05 -5.73 -7.26
CA ALA B 68 18.94 -4.69 -6.75
C ALA B 68 20.34 -5.29 -6.80
N ASN B 69 21.34 -4.47 -7.10
CA ASN B 69 22.72 -4.95 -7.24
C ASN B 69 22.82 -6.12 -8.19
N GLY B 70 21.96 -6.15 -9.20
CA GLY B 70 21.96 -7.19 -10.19
C GLY B 70 21.40 -8.53 -9.77
N ARG B 71 20.84 -8.64 -8.57
CA ARG B 71 20.33 -9.89 -8.03
C ARG B 71 18.85 -9.73 -7.70
N GLN B 72 18.04 -10.75 -7.98
CA GLN B 72 16.66 -10.73 -7.55
C GLN B 72 16.59 -10.81 -6.04
N SER B 73 15.89 -9.84 -5.45
CA SER B 73 15.71 -9.79 -4.01
C SER B 73 14.83 -10.92 -3.50
N ASP B 74 15.02 -11.28 -2.25
CA ASP B 74 14.17 -12.28 -1.60
C ASP B 74 12.81 -11.64 -1.31
N LEU B 75 11.73 -12.33 -1.71
CA LEU B 75 10.37 -11.80 -1.60
C LEU B 75 9.56 -12.44 -0.50
N VAL B 76 8.63 -11.66 0.04
N VAL B 76 8.65 -11.66 0.08
CA VAL B 76 7.58 -12.16 0.93
CA VAL B 76 7.57 -12.16 0.93
C VAL B 76 6.30 -11.48 0.49
C VAL B 76 6.29 -11.49 0.48
N SER B 77 5.17 -12.19 0.53
CA SER B 77 3.95 -11.63 -0.01
C SER B 77 2.71 -12.21 0.64
N SER B 78 1.60 -11.50 0.50
N SER B 78 1.61 -11.50 0.46
N SER B 78 1.61 -11.47 0.53
CA SER B 78 0.28 -12.03 0.85
CA SER B 78 0.30 -11.94 0.95
CA SER B 78 0.28 -11.94 0.94
C SER B 78 -0.76 -11.19 0.15
C SER B 78 -0.78 -11.15 0.22
C SER B 78 -0.77 -11.16 0.17
N GLN B 79 -1.99 -11.69 0.16
CA GLN B 79 -3.14 -10.97 -0.36
C GLN B 79 -4.17 -10.82 0.78
N LEU B 80 -4.77 -9.63 0.84
CA LEU B 80 -5.80 -9.28 1.81
C LEU B 80 -7.04 -8.80 1.08
N VAL B 81 -8.21 -9.21 1.59
CA VAL B 81 -9.47 -8.70 1.10
C VAL B 81 -10.24 -8.06 2.24
N LEU B 82 -10.63 -6.80 2.06
N LEU B 82 -10.62 -6.79 2.07
CA LEU B 82 -11.41 -6.05 3.05
CA LEU B 82 -11.37 -6.01 3.06
C LEU B 82 -12.79 -5.76 2.51
C LEU B 82 -12.78 -5.76 2.52
N ALA B 83 -13.77 -5.83 3.40
CA ALA B 83 -15.16 -5.60 3.09
C ALA B 83 -15.64 -6.49 1.95
N ASN B 84 -15.02 -7.66 1.78
CA ASN B 84 -15.36 -8.60 0.73
C ASN B 84 -15.28 -7.95 -0.65
N LYS B 85 -14.41 -6.96 -0.82
N LYS B 85 -14.44 -6.93 -0.82
CA LYS B 85 -14.38 -6.19 -2.06
CA LYS B 85 -14.43 -6.14 -2.05
C LYS B 85 -13.03 -5.61 -2.40
C LYS B 85 -13.07 -5.57 -2.41
N LEU B 86 -12.38 -4.93 -1.47
CA LEU B 86 -11.11 -4.27 -1.71
C LEU B 86 -10.00 -5.30 -1.60
N ASN B 87 -9.23 -5.50 -2.67
CA ASN B 87 -8.12 -6.43 -2.68
C ASN B 87 -6.81 -5.68 -2.70
N LEU B 88 -5.92 -6.09 -1.79
N LEU B 88 -5.91 -6.11 -1.80
CA LEU B 88 -4.51 -5.66 -1.81
CA LEU B 88 -4.51 -5.64 -1.80
C LEU B 88 -3.62 -6.88 -1.90
C LEU B 88 -3.60 -6.86 -1.87
N ALA B 89 -2.66 -6.87 -2.80
CA ALA B 89 -1.63 -7.90 -2.85
C ALA B 89 -0.32 -7.18 -2.55
N VAL B 90 0.39 -7.61 -1.51
N VAL B 90 0.40 -7.61 -1.52
CA VAL B 90 1.53 -6.89 -0.97
CA VAL B 90 1.54 -6.87 -1.03
C VAL B 90 2.79 -7.76 -1.12
C VAL B 90 2.79 -7.75 -1.10
N VAL B 91 3.88 -7.12 -1.52
CA VAL B 91 5.18 -7.76 -1.62
C VAL B 91 6.19 -6.92 -0.86
N GLY B 92 6.87 -7.54 0.09
CA GLY B 92 8.08 -6.98 0.67
C GLY B 92 9.27 -7.67 0.09
N SER B 93 10.44 -7.05 0.21
CA SER B 93 11.65 -7.60 -0.42
C SER B 93 12.90 -7.20 0.33
N GLU B 94 13.89 -8.08 0.24
CA GLU B 94 15.14 -7.93 0.96
C GLU B 94 16.30 -8.07 -0.02
N ASP B 95 17.10 -7.00 -0.10
CA ASP B 95 18.23 -6.92 -0.99
C ASP B 95 19.56 -7.18 -0.30
N GLY B 96 19.56 -7.37 1.00
CA GLY B 96 20.79 -7.35 1.80
C GLY B 96 20.70 -8.31 2.96
N THR B 97 21.21 -7.87 4.10
CA THR B 97 21.52 -8.74 5.22
C THR B 97 20.74 -8.44 6.47
N ASP B 98 19.96 -7.37 6.51
CA ASP B 98 19.30 -6.95 7.73
C ASP B 98 17.89 -7.48 7.91
N MET B 99 17.36 -8.23 6.94
N MET B 99 17.36 -8.20 6.92
CA MET B 99 16.04 -8.84 7.06
CA MET B 99 16.05 -8.82 7.04
C MET B 99 14.93 -7.85 7.40
C MET B 99 14.94 -7.84 7.42
N ASP B 100 15.00 -6.61 6.90
CA ASP B 100 13.91 -5.66 7.13
C ASP B 100 12.76 -5.77 6.13
N TYR B 101 13.01 -6.37 4.96
CA TYR B 101 11.97 -6.66 3.97
C TYR B 101 11.18 -5.44 3.51
N ASN B 102 11.80 -4.26 3.57
CA ASN B 102 11.16 -3.03 3.16
C ASN B 102 11.89 -2.38 1.98
N ASP B 103 12.86 -3.10 1.38
CA ASP B 103 13.80 -2.42 0.49
C ASP B 103 13.08 -1.87 -0.76
N SER B 104 12.23 -2.73 -1.32
CA SER B 104 11.08 -2.30 -2.10
C SER B 104 9.85 -2.92 -1.50
N ILE B 105 8.79 -2.14 -1.41
CA ILE B 105 7.44 -2.61 -1.04
C ILE B 105 6.58 -2.36 -2.26
N VAL B 106 5.92 -3.39 -2.77
CA VAL B 106 5.07 -3.27 -3.93
C VAL B 106 3.66 -3.62 -3.53
N ILE B 107 2.72 -2.75 -3.84
N ILE B 107 2.72 -2.74 -3.85
CA ILE B 107 1.33 -2.92 -3.49
CA ILE B 107 1.32 -2.90 -3.49
C ILE B 107 0.50 -2.94 -4.76
C ILE B 107 0.50 -2.95 -4.78
N LEU B 108 -0.26 -4.02 -4.95
CA LEU B 108 -1.21 -4.14 -6.05
C LEU B 108 -2.60 -3.93 -5.45
N ASN B 109 -3.49 -3.21 -6.13
CA ASN B 109 -4.86 -3.10 -5.64
C ASN B 109 -5.86 -3.14 -6.75
N TRP B 110 -7.01 -3.72 -6.45
CA TRP B 110 -8.13 -3.78 -7.37
C TRP B 110 -9.39 -4.04 -6.57
N PRO B 111 -10.57 -3.80 -7.14
CA PRO B 111 -10.82 -3.06 -8.40
C PRO B 111 -10.59 -1.57 -8.23
N LEU B 112 -10.39 -0.90 -9.34
CA LEU B 112 -10.21 0.54 -9.41
C LEU B 112 -11.52 1.21 -9.72
N GLY B 113 -11.53 2.53 -9.80
CA GLY B 113 -12.69 3.27 -10.31
C GLY B 113 -13.60 3.85 -9.26
#